data_9BUF
#
_entry.id   9BUF
#
_cell.length_a   77.529
_cell.length_b   54.769
_cell.length_c   144.421
_cell.angle_alpha   90.00
_cell.angle_beta   92.13
_cell.angle_gamma   90.00
#
_symmetry.space_group_name_H-M   'I 1 2 1'
#
loop_
_entity.id
_entity.type
_entity.pdbx_description
1 polymer 'Exochitinase 1'
2 non-polymer 'SULFATE ION'
3 non-polymer 'ACETATE ION'
4 water water
#
_entity_poly.entity_id   1
_entity_poly.type   'polypeptide(L)'
_entity_poly.pdbx_seq_one_letter_code
;VAAPTAPTGSPAGTARYAPYVDTSLYPAYDLLATADATGVKEFNLAFITSGGSCAPLWGGVTDLANDKVAAQIGALRAKG
GDVRVSFGGAAGHELALNCSSSSALAAAYGKVVDQYKLTKVDFDIEGAALPDTAANTRRAQAIAQLQRSHPGLNVSFTLP
VMPEGLTQPGVDLLADAKRNGVRVDAVNIMAMDYGPAYSADMGTYAVQAATATQAQIKGVLGLSDAAAWKAVAVTPMIGV
NDVSSEIFTVDDATQLVDFAKSKGIGWLSMWSSTRDKQCAAGAVNHADATCSSILQQPLAFTKAFAAYKHHHHHH
;
_entity_poly.pdbx_strand_id   A,B
#
# COMPACT_ATOMS: atom_id res chain seq x y z
N THR A 14 -6.69 -30.52 7.01
CA THR A 14 -6.29 -29.21 6.53
C THR A 14 -4.76 -29.17 6.44
N ALA A 15 -4.22 -28.83 5.28
CA ALA A 15 -2.78 -28.85 5.05
C ALA A 15 -2.13 -27.57 5.58
N ARG A 16 -0.86 -27.68 5.98
CA ARG A 16 -0.20 -26.57 6.68
C ARG A 16 0.58 -25.67 5.75
N TYR A 17 0.79 -26.06 4.50
CA TYR A 17 1.50 -25.22 3.56
C TYR A 17 0.91 -25.49 2.19
N ALA A 18 0.44 -24.43 1.52
CA ALA A 18 -0.20 -24.58 0.20
C ALA A 18 0.11 -23.33 -0.60
N PRO A 19 1.22 -23.33 -1.34
CA PRO A 19 1.62 -22.12 -2.07
C PRO A 19 0.66 -21.80 -3.20
N TYR A 20 0.61 -20.52 -3.56
CA TYR A 20 -0.25 -20.09 -4.66
C TYR A 20 0.41 -20.42 -5.98
N VAL A 21 -0.41 -20.85 -6.94
CA VAL A 21 0.00 -21.17 -8.31
C VAL A 21 -0.86 -20.35 -9.25
N ASP A 22 -0.24 -19.42 -9.96
CA ASP A 22 -0.97 -18.62 -10.96
C ASP A 22 -1.12 -19.45 -12.23
N THR A 23 -2.34 -19.91 -12.51
CA THR A 23 -2.57 -20.79 -13.64
C THR A 23 -2.47 -20.06 -14.99
N SER A 24 -2.46 -18.73 -15.00
CA SER A 24 -2.40 -18.01 -16.26
C SER A 24 -1.01 -18.05 -16.87
N LEU A 25 0.02 -18.29 -16.07
CA LEU A 25 1.39 -18.22 -16.55
C LEU A 25 1.73 -19.43 -17.42
N TYR A 26 2.45 -19.17 -18.50
CA TYR A 26 2.96 -20.15 -19.44
C TYR A 26 4.44 -20.40 -19.19
N PRO A 27 4.87 -21.65 -19.19
CA PRO A 27 4.06 -22.87 -19.39
C PRO A 27 3.30 -23.18 -18.11
N ALA A 28 2.22 -23.96 -18.23
CA ALA A 28 1.46 -24.38 -17.07
C ALA A 28 2.39 -24.99 -16.02
N TYR A 29 2.27 -24.49 -14.79
CA TYR A 29 2.99 -25.04 -13.65
C TYR A 29 2.73 -26.53 -13.53
N ASP A 30 3.79 -27.30 -13.24
CA ASP A 30 3.68 -28.75 -13.10
C ASP A 30 3.52 -29.05 -11.62
N LEU A 31 2.28 -29.29 -11.19
CA LEU A 31 2.02 -29.58 -9.78
C LEU A 31 2.68 -30.88 -9.34
N LEU A 32 2.56 -31.92 -10.16
CA LEU A 32 3.08 -33.23 -9.77
C LEU A 32 4.60 -33.22 -9.68
N ALA A 33 5.27 -32.46 -10.55
CA ALA A 33 6.71 -32.41 -10.51
C ALA A 33 7.20 -31.76 -9.23
N THR A 34 6.48 -30.74 -8.76
CA THR A 34 6.84 -30.12 -7.49
C THR A 34 6.58 -31.07 -6.33
N ALA A 35 5.47 -31.80 -6.38
CA ALA A 35 5.18 -32.78 -5.33
C ALA A 35 6.25 -33.86 -5.26
N ASP A 36 6.74 -34.32 -6.42
CA ASP A 36 7.80 -35.32 -6.41
C ASP A 36 9.09 -34.76 -5.83
N ALA A 37 9.40 -33.50 -6.14
CA ALA A 37 10.69 -32.94 -5.78
C ALA A 37 10.73 -32.48 -4.32
N THR A 38 9.57 -32.15 -3.75
CA THR A 38 9.54 -31.51 -2.42
C THR A 38 8.61 -32.20 -1.43
N GLY A 39 7.69 -33.03 -1.88
CA GLY A 39 6.66 -33.56 -1.02
C GLY A 39 5.47 -32.64 -0.84
N VAL A 40 5.57 -31.39 -1.28
CA VAL A 40 4.46 -30.46 -1.16
C VAL A 40 3.44 -30.82 -2.24
N LYS A 41 2.23 -31.19 -1.83
CA LYS A 41 1.24 -31.60 -2.81
C LYS A 41 -0.10 -30.93 -2.52
N GLU A 42 -0.06 -29.77 -1.88
CA GLU A 42 -1.24 -28.94 -1.68
C GLU A 42 -0.94 -27.55 -2.21
N PHE A 43 -1.88 -26.99 -2.97
CA PHE A 43 -1.67 -25.75 -3.69
C PHE A 43 -2.92 -24.89 -3.62
N ASN A 44 -2.73 -23.57 -3.64
CA ASN A 44 -3.81 -22.61 -3.85
C ASN A 44 -3.77 -22.24 -5.34
N LEU A 45 -4.68 -22.82 -6.13
CA LEU A 45 -4.76 -22.47 -7.54
C LEU A 45 -5.45 -21.12 -7.71
N ALA A 46 -4.88 -20.25 -8.54
CA ALA A 46 -5.26 -18.85 -8.62
C ALA A 46 -5.25 -18.39 -10.08
N PHE A 47 -6.21 -17.57 -10.49
CA PHE A 47 -7.40 -17.00 -9.82
C PHE A 47 -8.65 -17.15 -10.70
N ILE A 48 -9.78 -17.39 -10.08
CA ILE A 48 -11.05 -17.31 -10.77
C ILE A 48 -11.56 -15.87 -10.66
N THR A 49 -11.77 -15.22 -11.80
CA THR A 49 -12.35 -13.88 -11.86
C THR A 49 -13.42 -13.84 -12.94
N SER A 50 -13.98 -12.65 -13.14
CA SER A 50 -15.01 -12.44 -14.16
C SER A 50 -14.39 -11.92 -15.44
N GLY A 51 -14.90 -12.40 -16.57
CA GLY A 51 -14.50 -11.87 -17.87
C GLY A 51 -15.48 -10.87 -18.44
N GLY A 52 -16.32 -10.29 -17.57
CA GLY A 52 -17.35 -9.37 -17.98
C GLY A 52 -18.75 -9.87 -17.73
N SER A 53 -18.91 -11.13 -17.34
CA SER A 53 -20.21 -11.70 -17.03
C SER A 53 -20.17 -12.30 -15.64
N CYS A 54 -21.35 -12.66 -15.13
CA CYS A 54 -21.45 -13.38 -13.86
C CYS A 54 -21.20 -14.87 -14.14
N ALA A 55 -19.94 -15.17 -14.45
CA ALA A 55 -19.54 -16.48 -14.91
C ALA A 55 -18.05 -16.64 -14.63
N PRO A 56 -17.64 -17.74 -14.02
CA PRO A 56 -16.24 -17.86 -13.58
C PRO A 56 -15.31 -18.25 -14.71
N LEU A 57 -14.13 -17.62 -14.71
CA LEU A 57 -13.10 -17.90 -15.70
C LEU A 57 -11.75 -17.78 -15.02
N TRP A 58 -10.83 -18.64 -15.41
CA TRP A 58 -9.46 -18.53 -14.92
C TRP A 58 -8.80 -17.32 -15.55
N GLY A 59 -8.24 -16.44 -14.72
CA GLY A 59 -7.63 -15.23 -15.22
C GLY A 59 -8.57 -14.34 -15.99
N GLY A 60 -9.88 -14.46 -15.76
CA GLY A 60 -10.86 -13.72 -16.51
C GLY A 60 -11.03 -14.12 -17.97
N VAL A 61 -10.35 -15.19 -18.44
CA VAL A 61 -10.40 -15.51 -19.87
C VAL A 61 -10.46 -17.01 -20.20
N THR A 62 -10.07 -17.87 -19.26
CA THR A 62 -9.91 -19.29 -19.58
C THR A 62 -11.07 -20.10 -19.02
N ASP A 63 -11.66 -20.93 -19.88
CA ASP A 63 -12.80 -21.74 -19.49
C ASP A 63 -12.38 -22.79 -18.46
N LEU A 64 -13.35 -23.23 -17.65
CA LEU A 64 -13.05 -24.14 -16.56
C LEU A 64 -12.49 -25.46 -17.06
N ALA A 65 -13.04 -25.98 -18.16
CA ALA A 65 -12.60 -27.27 -18.66
C ALA A 65 -11.25 -27.21 -19.36
N ASN A 66 -10.74 -26.02 -19.66
CA ASN A 66 -9.56 -25.87 -20.48
C ASN A 66 -8.30 -25.53 -19.70
N ASP A 67 -8.42 -25.11 -18.45
CA ASP A 67 -7.25 -24.66 -17.70
C ASP A 67 -6.27 -25.82 -17.49
N LYS A 68 -5.03 -25.64 -17.93
CA LYS A 68 -4.07 -26.73 -17.93
C LYS A 68 -3.47 -27.03 -16.56
N VAL A 69 -3.60 -26.11 -15.59
CA VAL A 69 -3.20 -26.44 -14.22
C VAL A 69 -4.34 -27.12 -13.46
N ALA A 70 -5.57 -26.60 -13.60
CA ALA A 70 -6.70 -27.25 -12.96
C ALA A 70 -6.94 -28.64 -13.52
N ALA A 71 -6.61 -28.87 -14.80
CA ALA A 71 -6.69 -30.21 -15.37
C ALA A 71 -5.83 -31.23 -14.62
N GLN A 72 -4.88 -30.78 -13.82
CA GLN A 72 -4.01 -31.72 -13.11
C GLN A 72 -4.60 -32.19 -11.78
N ILE A 73 -5.77 -31.68 -11.39
CA ILE A 73 -6.26 -31.91 -10.03
C ILE A 73 -6.47 -33.39 -9.78
N GLY A 74 -7.02 -34.10 -10.77
CA GLY A 74 -7.27 -35.53 -10.58
C GLY A 74 -5.99 -36.31 -10.37
N ALA A 75 -4.93 -35.95 -11.10
CA ALA A 75 -3.67 -36.67 -10.95
C ALA A 75 -3.00 -36.32 -9.62
N LEU A 76 -3.11 -35.07 -9.19
CA LEU A 76 -2.57 -34.69 -7.89
C LEU A 76 -3.29 -35.42 -6.77
N ARG A 77 -4.62 -35.53 -6.86
CA ARG A 77 -5.38 -36.22 -5.84
C ARG A 77 -5.01 -37.70 -5.79
N ALA A 78 -4.68 -38.29 -6.95
CA ALA A 78 -4.24 -39.68 -6.98
C ALA A 78 -2.96 -39.88 -6.19
N LYS A 79 -2.07 -38.88 -6.13
CA LYS A 79 -0.91 -38.92 -5.23
C LYS A 79 -1.25 -38.47 -3.82
N GLY A 80 -2.52 -38.25 -3.51
CA GLY A 80 -2.93 -37.86 -2.19
C GLY A 80 -2.87 -36.37 -1.91
N GLY A 81 -2.66 -35.54 -2.94
CA GLY A 81 -2.68 -34.11 -2.76
C GLY A 81 -4.07 -33.53 -2.99
N ASP A 82 -4.16 -32.21 -2.92
CA ASP A 82 -5.44 -31.52 -3.17
C ASP A 82 -5.14 -30.05 -3.44
N VAL A 83 -6.21 -29.31 -3.78
CA VAL A 83 -6.11 -27.89 -4.09
C VAL A 83 -7.22 -27.12 -3.41
N ARG A 84 -6.92 -25.86 -3.13
CA ARG A 84 -7.87 -24.83 -2.77
C ARG A 84 -7.93 -23.86 -3.94
N VAL A 85 -9.13 -23.57 -4.45
CA VAL A 85 -9.23 -22.63 -5.57
C VAL A 85 -9.47 -21.24 -5.01
N SER A 86 -8.79 -20.25 -5.58
CA SER A 86 -8.81 -18.90 -5.07
C SER A 86 -9.51 -17.99 -6.05
N PHE A 87 -10.47 -17.21 -5.55
CA PHE A 87 -11.26 -16.26 -6.32
C PHE A 87 -10.78 -14.84 -6.03
N GLY A 88 -10.63 -14.03 -7.06
CA GLY A 88 -10.18 -12.65 -6.88
C GLY A 88 -8.71 -12.48 -7.27
N GLY A 89 -7.92 -11.93 -6.36
CA GLY A 89 -6.53 -11.62 -6.62
C GLY A 89 -6.33 -10.19 -7.09
N ALA A 90 -5.05 -9.82 -7.24
CA ALA A 90 -4.72 -8.43 -7.57
C ALA A 90 -5.14 -8.06 -8.99
N ALA A 91 -4.98 -8.96 -9.95
CA ALA A 91 -5.32 -8.67 -11.32
C ALA A 91 -6.80 -8.95 -11.56
N GLY A 92 -7.40 -8.20 -12.44
CA GLY A 92 -8.78 -8.54 -12.79
C GLY A 92 -9.81 -8.27 -11.70
N HIS A 93 -11.00 -8.84 -11.93
CA HIS A 93 -12.25 -8.39 -11.32
C HIS A 93 -12.97 -9.53 -10.61
N GLU A 94 -13.09 -9.45 -9.28
CA GLU A 94 -13.76 -10.51 -8.53
C GLU A 94 -15.24 -10.58 -8.90
N LEU A 95 -15.79 -11.80 -8.90
CA LEU A 95 -17.13 -12.04 -9.41
C LEU A 95 -18.20 -11.23 -8.69
N ALA A 96 -17.96 -10.82 -7.44
CA ALA A 96 -18.99 -10.05 -6.73
C ALA A 96 -19.24 -8.70 -7.41
N LEU A 97 -18.25 -8.19 -8.12
CA LEU A 97 -18.41 -6.94 -8.87
C LEU A 97 -19.09 -7.14 -10.22
N ASN A 98 -19.35 -8.39 -10.64
CA ASN A 98 -20.00 -8.67 -11.91
C ASN A 98 -21.30 -9.43 -11.74
N CYS A 99 -21.70 -9.73 -10.51
CA CYS A 99 -22.91 -10.47 -10.22
C CYS A 99 -23.82 -9.56 -9.40
N SER A 100 -25.06 -9.40 -9.85
CA SER A 100 -25.95 -8.43 -9.21
C SER A 100 -26.68 -8.98 -8.00
N SER A 101 -26.70 -10.30 -7.80
CA SER A 101 -27.45 -10.91 -6.71
C SER A 101 -26.59 -11.96 -6.03
N SER A 102 -26.91 -12.25 -4.77
CA SER A 102 -26.15 -13.29 -4.09
C SER A 102 -26.46 -14.68 -4.64
N SER A 103 -27.65 -14.86 -5.23
CA SER A 103 -28.01 -16.16 -5.78
C SER A 103 -27.25 -16.43 -7.08
N ALA A 104 -27.15 -15.42 -7.95
CA ALA A 104 -26.35 -15.59 -9.15
C ALA A 104 -24.88 -15.78 -8.79
N LEU A 105 -24.40 -15.05 -7.78
CA LEU A 105 -23.00 -15.14 -7.36
C LEU A 105 -22.71 -16.50 -6.75
N ALA A 106 -23.60 -17.00 -5.89
CA ALA A 106 -23.41 -18.34 -5.35
C ALA A 106 -23.41 -19.37 -6.48
N ALA A 107 -24.27 -19.18 -7.50
CA ALA A 107 -24.27 -20.08 -8.64
C ALA A 107 -22.93 -20.07 -9.37
N ALA A 108 -22.34 -18.88 -9.56
CA ALA A 108 -21.07 -18.80 -10.25
C ALA A 108 -19.97 -19.51 -9.46
N TYR A 109 -19.85 -19.20 -8.17
CA TYR A 109 -18.89 -19.92 -7.33
C TYR A 109 -19.15 -21.41 -7.37
N GLY A 110 -20.42 -21.80 -7.36
CA GLY A 110 -20.77 -23.21 -7.30
C GLY A 110 -20.33 -23.99 -8.53
N LYS A 111 -20.36 -23.36 -9.71
CA LYS A 111 -19.88 -24.06 -10.90
C LYS A 111 -18.42 -24.46 -10.72
N VAL A 112 -17.64 -23.63 -10.02
CA VAL A 112 -16.24 -23.97 -9.76
C VAL A 112 -16.15 -25.12 -8.78
N VAL A 113 -16.83 -24.99 -7.64
CA VAL A 113 -16.83 -26.05 -6.64
C VAL A 113 -17.26 -27.37 -7.27
N ASP A 114 -18.34 -27.34 -8.08
CA ASP A 114 -18.87 -28.57 -8.68
C ASP A 114 -17.98 -29.09 -9.79
N GLN A 115 -17.43 -28.20 -10.63
CA GLN A 115 -16.53 -28.63 -11.70
C GLN A 115 -15.40 -29.52 -11.19
N TYR A 116 -14.73 -29.09 -10.13
CA TYR A 116 -13.54 -29.76 -9.66
C TYR A 116 -13.77 -30.55 -8.38
N LYS A 117 -15.02 -30.71 -7.95
CA LYS A 117 -15.33 -31.34 -6.67
C LYS A 117 -14.49 -30.75 -5.54
N LEU A 118 -14.56 -29.44 -5.40
CA LEU A 118 -13.73 -28.76 -4.40
C LEU A 118 -14.28 -28.97 -3.00
N THR A 119 -13.36 -29.08 -2.03
CA THR A 119 -13.69 -29.00 -0.61
C THR A 119 -13.03 -27.81 0.09
N LYS A 120 -12.22 -27.03 -0.63
CA LYS A 120 -11.58 -25.84 -0.07
C LYS A 120 -11.61 -24.72 -1.10
N VAL A 121 -11.92 -23.51 -0.63
CA VAL A 121 -11.95 -22.33 -1.50
C VAL A 121 -11.34 -21.16 -0.72
N ASP A 122 -10.94 -20.15 -1.48
CA ASP A 122 -10.24 -18.98 -0.96
C ASP A 122 -10.80 -17.76 -1.68
N PHE A 123 -11.05 -16.68 -0.93
CA PHE A 123 -11.50 -15.44 -1.54
C PHE A 123 -10.46 -14.38 -1.26
N ASP A 124 -9.71 -14.05 -2.31
CA ASP A 124 -8.62 -13.09 -2.24
C ASP A 124 -9.20 -11.73 -2.62
N ILE A 125 -9.55 -10.93 -1.62
CA ILE A 125 -10.28 -9.69 -1.82
C ILE A 125 -9.34 -8.53 -1.56
N GLU A 126 -9.01 -7.79 -2.62
CA GLU A 126 -8.06 -6.69 -2.53
C GLU A 126 -8.40 -5.69 -3.61
N GLY A 127 -7.67 -4.58 -3.61
CA GLY A 127 -7.90 -3.56 -4.62
C GLY A 127 -9.29 -2.97 -4.49
N ALA A 128 -9.87 -2.60 -5.64
CA ALA A 128 -11.18 -1.94 -5.64
C ALA A 128 -12.28 -2.80 -5.05
N ALA A 129 -12.12 -4.13 -5.03
CA ALA A 129 -13.16 -4.98 -4.45
C ALA A 129 -13.26 -4.81 -2.94
N LEU A 130 -12.12 -4.67 -2.24
CA LEU A 130 -12.14 -4.74 -0.78
C LEU A 130 -13.01 -3.70 -0.08
N PRO A 131 -12.99 -2.42 -0.45
CA PRO A 131 -13.90 -1.46 0.21
C PRO A 131 -15.31 -1.42 -0.34
N ASP A 132 -15.67 -2.27 -1.30
CA ASP A 132 -17.04 -2.30 -1.85
C ASP A 132 -17.94 -3.03 -0.87
N THR A 133 -18.55 -2.28 0.05
CA THR A 133 -19.33 -2.90 1.13
C THR A 133 -20.56 -3.63 0.58
N ALA A 134 -21.21 -3.07 -0.45
CA ALA A 134 -22.40 -3.73 -0.99
C ALA A 134 -22.04 -5.06 -1.64
N ALA A 135 -20.93 -5.10 -2.39
CA ALA A 135 -20.48 -6.36 -2.97
C ALA A 135 -20.04 -7.35 -1.91
N ASN A 136 -19.40 -6.88 -0.83
CA ASN A 136 -18.95 -7.78 0.22
C ASN A 136 -20.12 -8.51 0.87
N THR A 137 -21.20 -7.77 1.18
CA THR A 137 -22.38 -8.41 1.74
C THR A 137 -22.95 -9.42 0.77
N ARG A 138 -23.02 -9.07 -0.51
CA ARG A 138 -23.52 -9.98 -1.52
C ARG A 138 -22.65 -11.24 -1.56
N ARG A 139 -21.31 -11.06 -1.44
CA ARG A 139 -20.43 -12.22 -1.40
C ARG A 139 -20.68 -13.05 -0.13
N ALA A 140 -20.79 -12.39 1.02
CA ALA A 140 -20.97 -13.14 2.26
C ALA A 140 -22.26 -13.94 2.24
N GLN A 141 -23.32 -13.36 1.69
CA GLN A 141 -24.56 -14.10 1.53
C GLN A 141 -24.35 -15.30 0.63
N ALA A 142 -23.63 -15.12 -0.47
CA ALA A 142 -23.37 -16.21 -1.41
C ALA A 142 -22.60 -17.35 -0.74
N ILE A 143 -21.56 -16.99 0.04
CA ILE A 143 -20.69 -17.99 0.67
C ILE A 143 -21.44 -18.76 1.74
N ALA A 144 -22.27 -18.07 2.54
CA ALA A 144 -23.10 -18.78 3.49
C ALA A 144 -24.04 -19.76 2.80
N GLN A 145 -24.55 -19.39 1.62
CA GLN A 145 -25.41 -20.31 0.87
C GLN A 145 -24.59 -21.48 0.33
N LEU A 146 -23.40 -21.17 -0.20
CA LEU A 146 -22.48 -22.20 -0.64
C LEU A 146 -22.12 -23.16 0.50
N GLN A 147 -21.86 -22.62 1.70
CA GLN A 147 -21.55 -23.47 2.84
C GLN A 147 -22.75 -24.29 3.28
N ARG A 148 -23.96 -23.88 2.92
CA ARG A 148 -25.15 -24.67 3.25
C ARG A 148 -25.33 -25.80 2.24
N SER A 149 -25.17 -25.53 0.95
CA SER A 149 -25.32 -26.59 -0.05
C SER A 149 -24.13 -27.53 -0.10
N HIS A 150 -22.98 -27.10 0.42
CA HIS A 150 -21.76 -27.90 0.41
C HIS A 150 -21.22 -27.93 1.83
N PRO A 151 -21.82 -28.73 2.71
CA PRO A 151 -21.39 -28.74 4.10
C PRO A 151 -19.93 -29.12 4.23
N GLY A 152 -19.26 -28.47 5.18
CA GLY A 152 -17.85 -28.71 5.38
C GLY A 152 -16.93 -27.98 4.43
N LEU A 153 -17.45 -27.38 3.35
CA LEU A 153 -16.62 -26.59 2.45
C LEU A 153 -15.80 -25.59 3.23
N ASN A 154 -14.48 -25.74 3.17
CA ASN A 154 -13.57 -24.90 3.94
C ASN A 154 -13.34 -23.58 3.20
N VAL A 155 -13.58 -22.46 3.89
CA VAL A 155 -13.52 -21.12 3.31
C VAL A 155 -12.42 -20.31 4.00
N SER A 156 -11.56 -19.70 3.20
CA SER A 156 -10.57 -18.76 3.71
C SER A 156 -10.80 -17.41 3.03
N PHE A 157 -10.51 -16.33 3.75
CA PHE A 157 -10.44 -15.00 3.18
C PHE A 157 -8.98 -14.57 3.18
N THR A 158 -8.50 -14.12 2.03
CA THR A 158 -7.13 -13.62 1.90
C THR A 158 -7.20 -12.11 1.75
N LEU A 159 -6.54 -11.39 2.67
CA LEU A 159 -6.73 -9.96 2.83
C LEU A 159 -5.40 -9.22 2.93
N PRO A 160 -5.34 -7.97 2.49
CA PRO A 160 -4.15 -7.16 2.72
C PRO A 160 -3.92 -6.98 4.21
N VAL A 161 -2.66 -6.74 4.57
CA VAL A 161 -2.27 -6.64 5.97
C VAL A 161 -1.16 -5.62 6.07
N MET A 162 -1.07 -4.98 7.23
CA MET A 162 0.04 -4.06 7.49
C MET A 162 0.77 -4.69 8.67
N PRO A 163 1.98 -4.26 9.04
CA PRO A 163 2.59 -4.83 10.25
C PRO A 163 1.72 -4.65 11.47
N GLU A 164 0.83 -3.65 11.46
CA GLU A 164 -0.08 -3.40 12.57
C GLU A 164 -1.37 -4.22 12.49
N GLY A 165 -1.54 -5.06 11.48
CA GLY A 165 -2.67 -5.97 11.36
C GLY A 165 -3.51 -5.69 10.13
N LEU A 166 -4.69 -6.32 10.10
CA LEU A 166 -5.64 -6.08 9.02
C LEU A 166 -6.00 -4.60 8.95
N THR A 167 -6.25 -4.14 7.73
CA THR A 167 -6.74 -2.79 7.56
C THR A 167 -8.21 -2.73 7.97
N GLN A 168 -8.71 -1.53 8.17
CA GLN A 168 -10.12 -1.41 8.56
C GLN A 168 -11.04 -2.03 7.52
N PRO A 169 -10.84 -1.87 6.21
CA PRO A 169 -11.75 -2.57 5.28
C PRO A 169 -11.67 -4.08 5.38
N GLY A 170 -10.52 -4.66 5.75
CA GLY A 170 -10.48 -6.09 5.98
C GLY A 170 -11.26 -6.48 7.22
N VAL A 171 -11.09 -5.71 8.30
CA VAL A 171 -11.83 -5.99 9.53
C VAL A 171 -13.33 -5.91 9.25
N ASP A 172 -13.75 -4.91 8.47
CA ASP A 172 -15.17 -4.74 8.18
C ASP A 172 -15.71 -5.85 7.30
N LEU A 173 -14.90 -6.32 6.34
CA LEU A 173 -15.30 -7.47 5.52
C LEU A 173 -15.55 -8.70 6.40
N LEU A 174 -14.67 -8.93 7.38
CA LEU A 174 -14.83 -10.10 8.24
C LEU A 174 -16.06 -9.97 9.15
N ALA A 175 -16.31 -8.77 9.68
CA ALA A 175 -17.50 -8.59 10.51
C ALA A 175 -18.76 -8.81 9.69
N ASP A 176 -18.75 -8.36 8.44
CA ASP A 176 -19.89 -8.58 7.56
C ASP A 176 -20.06 -10.07 7.30
N ALA A 177 -18.96 -10.80 7.06
CA ALA A 177 -19.04 -12.24 6.85
C ALA A 177 -19.66 -12.95 8.04
N LYS A 178 -19.22 -12.60 9.25
CA LYS A 178 -19.74 -13.24 10.46
C LYS A 178 -21.23 -12.98 10.67
N ARG A 179 -21.67 -11.72 10.58
CA ARG A 179 -23.10 -11.46 10.82
C ARG A 179 -23.97 -12.06 9.72
N ASN A 180 -23.39 -12.34 8.56
CA ASN A 180 -24.12 -12.98 7.47
C ASN A 180 -24.00 -14.50 7.51
N GLY A 181 -23.43 -15.06 8.58
CA GLY A 181 -23.47 -16.49 8.77
C GLY A 181 -22.36 -17.27 8.08
N VAL A 182 -21.33 -16.60 7.58
CA VAL A 182 -20.19 -17.30 7.00
C VAL A 182 -19.34 -17.90 8.11
N ARG A 183 -18.91 -19.14 7.92
CA ARG A 183 -17.92 -19.75 8.81
C ARG A 183 -16.55 -19.54 8.19
N VAL A 184 -15.81 -18.57 8.72
CA VAL A 184 -14.48 -18.27 8.20
C VAL A 184 -13.48 -19.22 8.84
N ASP A 185 -12.92 -20.12 8.02
CA ASP A 185 -12.02 -21.14 8.52
C ASP A 185 -10.59 -20.63 8.65
N ALA A 186 -10.19 -19.67 7.81
CA ALA A 186 -8.88 -19.06 7.96
C ALA A 186 -8.93 -17.64 7.40
N VAL A 187 -8.24 -16.75 8.09
CA VAL A 187 -7.92 -15.41 7.61
C VAL A 187 -6.46 -15.44 7.20
N ASN A 188 -6.21 -15.38 5.90
CA ASN A 188 -4.87 -15.49 5.31
C ASN A 188 -4.38 -14.09 4.97
N ILE A 189 -3.32 -13.63 5.67
CA ILE A 189 -2.86 -12.25 5.48
C ILE A 189 -1.77 -12.22 4.43
N MET A 190 -1.84 -11.19 3.59
CA MET A 190 -0.87 -10.98 2.53
C MET A 190 0.26 -10.13 3.12
N ALA A 191 1.23 -10.80 3.74
CA ALA A 191 2.31 -10.13 4.48
C ALA A 191 3.37 -9.68 3.49
N MET A 192 3.02 -8.63 2.75
CA MET A 192 3.84 -8.18 1.62
C MET A 192 3.49 -6.73 1.34
N ASP A 193 4.36 -6.07 0.57
CA ASP A 193 4.04 -4.77 -0.05
C ASP A 193 3.56 -3.73 0.95
N TYR A 194 4.35 -3.50 2.01
CA TYR A 194 3.84 -2.59 3.04
C TYR A 194 3.94 -1.12 2.62
N GLY A 195 5.07 -0.73 2.05
CA GLY A 195 5.24 0.63 1.57
C GLY A 195 6.62 1.16 1.86
N PRO A 196 6.96 2.32 1.30
CA PRO A 196 8.31 2.86 1.49
C PRO A 196 8.64 3.24 2.93
N ALA A 197 7.63 3.43 3.78
CA ALA A 197 7.95 3.73 5.17
C ALA A 197 8.23 2.49 5.98
N TYR A 198 8.23 1.30 5.34
CA TYR A 198 8.47 0.03 6.03
C TYR A 198 9.65 -0.65 5.33
N SER A 199 10.86 -0.35 5.80
CA SER A 199 12.07 -0.84 5.15
C SER A 199 12.83 -1.86 6.00
N ALA A 200 12.25 -2.34 7.09
CA ALA A 200 12.91 -3.25 8.01
C ALA A 200 12.76 -4.70 7.52
N ASP A 201 13.13 -5.66 8.36
CA ASP A 201 13.11 -7.06 7.97
C ASP A 201 11.68 -7.54 7.71
N MET A 202 11.50 -8.23 6.60
CA MET A 202 10.16 -8.63 6.19
C MET A 202 9.68 -9.89 6.91
N GLY A 203 10.59 -10.67 7.51
CA GLY A 203 10.14 -11.79 8.32
C GLY A 203 9.56 -11.32 9.63
N THR A 204 10.26 -10.39 10.29
CA THR A 204 9.74 -9.81 11.52
C THR A 204 8.41 -9.09 11.27
N TYR A 205 8.30 -8.35 10.16
CA TYR A 205 7.01 -7.72 9.83
C TYR A 205 5.92 -8.76 9.74
N ALA A 206 6.20 -9.90 9.09
CA ALA A 206 5.18 -10.92 8.91
C ALA A 206 4.70 -11.47 10.25
N VAL A 207 5.65 -11.70 11.15
CA VAL A 207 5.34 -12.16 12.49
C VAL A 207 4.52 -11.11 13.23
N GLN A 208 4.91 -9.85 13.10
CA GLN A 208 4.18 -8.77 13.75
C GLN A 208 2.76 -8.67 13.20
N ALA A 209 2.62 -8.73 11.87
CA ALA A 209 1.29 -8.65 11.27
C ALA A 209 0.41 -9.81 11.71
N ALA A 210 0.98 -11.02 11.81
CA ALA A 210 0.19 -12.17 12.20
C ALA A 210 -0.25 -12.07 13.65
N THR A 211 0.62 -11.55 14.52
CA THR A 211 0.29 -11.39 15.92
C THR A 211 -0.87 -10.41 16.09
N ALA A 212 -0.82 -9.29 15.36
CA ALA A 212 -1.92 -8.33 15.45
C ALA A 212 -3.21 -8.91 14.88
N THR A 213 -3.11 -9.63 13.75
CA THR A 213 -4.29 -10.21 13.11
C THR A 213 -4.97 -11.18 14.05
N GLN A 214 -4.20 -11.97 14.81
CA GLN A 214 -4.82 -12.94 15.70
C GLN A 214 -5.69 -12.25 16.74
N ALA A 215 -5.19 -11.15 17.29
CA ALA A 215 -5.97 -10.38 18.26
C ALA A 215 -7.24 -9.82 17.63
N GLN A 216 -7.16 -9.39 16.37
CA GLN A 216 -8.31 -8.78 15.70
C GLN A 216 -9.39 -9.81 15.38
N ILE A 217 -9.00 -10.95 14.81
CA ILE A 217 -10.01 -11.92 14.42
C ILE A 217 -10.55 -12.71 15.61
N LYS A 218 -9.78 -12.78 16.71
CA LYS A 218 -10.33 -13.31 17.97
C LYS A 218 -11.63 -12.61 18.35
N GLY A 219 -11.66 -11.28 18.25
CA GLY A 219 -12.85 -10.52 18.56
C GLY A 219 -13.88 -10.53 17.45
N VAL A 220 -13.44 -10.27 16.22
CA VAL A 220 -14.39 -10.14 15.11
C VAL A 220 -15.10 -11.47 14.84
N LEU A 221 -14.36 -12.57 14.87
CA LEU A 221 -14.91 -13.88 14.56
C LEU A 221 -15.38 -14.63 15.80
N GLY A 222 -15.19 -14.07 16.99
CA GLY A 222 -15.71 -14.67 18.20
C GLY A 222 -15.11 -16.02 18.52
N LEU A 223 -13.78 -16.11 18.49
CA LEU A 223 -13.07 -17.35 18.70
C LEU A 223 -12.27 -17.29 19.99
N SER A 224 -11.98 -18.48 20.54
CA SER A 224 -10.99 -18.60 21.58
C SER A 224 -9.61 -18.16 21.09
N ASP A 225 -8.71 -17.96 22.04
CA ASP A 225 -7.33 -17.63 21.69
C ASP A 225 -6.70 -18.71 20.83
N ALA A 226 -6.88 -19.98 21.24
CA ALA A 226 -6.30 -21.08 20.47
C ALA A 226 -6.95 -21.18 19.10
N ALA A 227 -8.28 -21.11 19.05
CA ALA A 227 -8.99 -21.16 17.77
C ALA A 227 -8.59 -20.00 16.86
N ALA A 228 -8.31 -18.83 17.44
CA ALA A 228 -7.92 -17.69 16.61
C ALA A 228 -6.53 -17.87 15.99
N TRP A 229 -5.61 -18.55 16.69
CA TRP A 229 -4.32 -18.84 16.07
C TRP A 229 -4.49 -19.82 14.92
N LYS A 230 -5.30 -20.86 15.11
CA LYS A 230 -5.53 -21.82 14.05
C LYS A 230 -6.19 -21.16 12.84
N ALA A 231 -6.95 -20.10 13.07
CA ALA A 231 -7.59 -19.36 11.97
C ALA A 231 -6.65 -18.38 11.28
N VAL A 232 -5.43 -18.19 11.78
CA VAL A 232 -4.48 -17.32 11.09
C VAL A 232 -3.78 -18.13 10.00
N ALA A 233 -3.64 -17.53 8.81
CA ALA A 233 -2.76 -18.04 7.78
C ALA A 233 -1.91 -16.89 7.26
N VAL A 234 -0.67 -17.19 6.83
CA VAL A 234 0.26 -16.15 6.42
C VAL A 234 0.80 -16.45 5.02
N THR A 235 0.81 -15.43 4.16
CA THR A 235 1.27 -15.54 2.77
C THR A 235 2.20 -14.37 2.47
N PRO A 236 3.51 -14.56 2.58
CA PRO A 236 4.45 -13.54 2.09
C PRO A 236 4.63 -13.60 0.58
N MET A 237 5.14 -12.49 0.03
CA MET A 237 5.66 -12.44 -1.33
C MET A 237 7.14 -12.82 -1.31
N ILE A 238 7.52 -13.93 -1.97
CA ILE A 238 8.90 -14.38 -1.82
C ILE A 238 9.82 -13.49 -2.66
N GLY A 239 11.04 -13.28 -2.16
CA GLY A 239 11.97 -12.47 -2.94
C GLY A 239 11.59 -10.99 -2.97
N VAL A 240 11.93 -10.33 -4.08
CA VAL A 240 11.67 -8.90 -4.20
C VAL A 240 10.18 -8.67 -4.35
N ASN A 241 9.64 -7.78 -3.55
CA ASN A 241 8.19 -7.55 -3.50
C ASN A 241 7.78 -6.52 -4.55
N ASP A 242 6.46 -6.36 -4.75
CA ASP A 242 6.01 -5.31 -5.68
C ASP A 242 6.51 -3.96 -5.24
N VAL A 243 6.57 -3.72 -3.92
CA VAL A 243 7.32 -2.64 -3.33
C VAL A 243 8.76 -3.13 -3.41
N SER A 244 9.50 -2.59 -4.36
CA SER A 244 10.75 -3.22 -4.78
C SER A 244 11.81 -3.17 -3.70
N SER A 245 11.77 -2.19 -2.80
N SER A 245 11.75 -2.20 -2.79
CA SER A 245 12.77 -2.12 -1.76
CA SER A 245 12.75 -2.10 -1.75
C SER A 245 12.59 -3.21 -0.69
C SER A 245 12.54 -3.14 -0.64
N GLU A 246 11.43 -3.87 -0.67
CA GLU A 246 11.14 -4.88 0.32
C GLU A 246 11.46 -6.26 -0.26
N ILE A 247 12.28 -7.03 0.48
CA ILE A 247 12.69 -8.37 0.08
C ILE A 247 12.36 -9.36 1.19
N PHE A 248 11.63 -10.43 0.85
CA PHE A 248 11.36 -11.53 1.76
C PHE A 248 12.33 -12.65 1.42
N THR A 249 13.35 -12.82 2.26
CA THR A 249 14.43 -13.75 1.97
C THR A 249 14.09 -15.16 2.45
N VAL A 250 14.92 -16.13 2.03
CA VAL A 250 14.75 -17.48 2.54
C VAL A 250 14.97 -17.51 4.05
N ASP A 251 15.93 -16.71 4.55
CA ASP A 251 16.06 -16.53 5.98
C ASP A 251 14.73 -16.11 6.61
N ASP A 252 14.04 -15.17 5.97
CA ASP A 252 12.72 -14.74 6.45
C ASP A 252 11.72 -15.89 6.47
N ALA A 253 11.78 -16.78 5.47
CA ALA A 253 10.90 -17.93 5.46
C ALA A 253 11.17 -18.83 6.66
N THR A 254 12.44 -19.03 7.04
CA THR A 254 12.67 -19.92 8.16
C THR A 254 12.21 -19.28 9.48
N GLN A 255 12.28 -17.94 9.57
CA GLN A 255 11.76 -17.28 10.76
C GLN A 255 10.25 -17.40 10.84
N LEU A 256 9.56 -17.28 9.69
CA LEU A 256 8.11 -17.43 9.68
C LEU A 256 7.70 -18.86 10.04
N VAL A 257 8.45 -19.85 9.56
CA VAL A 257 8.16 -21.25 9.90
C VAL A 257 8.29 -21.48 11.40
N ASP A 258 9.37 -20.97 12.00
N ASP A 258 9.34 -20.95 12.03
CA ASP A 258 9.56 -21.06 13.45
CA ASP A 258 9.50 -21.14 13.47
C ASP A 258 8.36 -20.49 14.19
C ASP A 258 8.36 -20.47 14.24
N PHE A 259 7.96 -19.27 13.80
CA PHE A 259 6.82 -18.63 14.47
C PHE A 259 5.53 -19.40 14.23
N ALA A 260 5.32 -19.91 13.02
CA ALA A 260 4.11 -20.69 12.76
C ALA A 260 4.06 -21.92 13.66
N LYS A 261 5.22 -22.52 13.95
CA LYS A 261 5.22 -23.70 14.81
C LYS A 261 4.88 -23.34 16.25
N SER A 262 5.37 -22.20 16.75
CA SER A 262 5.20 -21.90 18.17
C SER A 262 3.77 -21.50 18.49
N LYS A 263 3.03 -21.02 17.51
CA LYS A 263 1.66 -20.55 17.72
C LYS A 263 0.61 -21.49 17.14
N GLY A 264 1.00 -22.48 16.35
CA GLY A 264 -0.01 -23.31 15.69
C GLY A 264 -0.84 -22.57 14.67
N ILE A 265 -0.21 -21.73 13.87
CA ILE A 265 -0.88 -21.06 12.77
C ILE A 265 -1.54 -22.07 11.82
N GLY A 266 -2.73 -21.73 11.31
CA GLY A 266 -3.49 -22.61 10.44
C GLY A 266 -2.73 -23.12 9.23
N TRP A 267 -2.23 -22.22 8.38
CA TRP A 267 -1.34 -22.67 7.33
C TRP A 267 -0.49 -21.51 6.85
N LEU A 268 0.59 -21.87 6.16
CA LEU A 268 1.40 -20.91 5.44
C LEU A 268 1.17 -21.06 3.95
N SER A 269 1.43 -19.99 3.22
CA SER A 269 1.40 -20.07 1.77
C SER A 269 2.41 -19.05 1.27
N MET A 270 2.41 -18.79 -0.03
CA MET A 270 3.33 -17.78 -0.53
C MET A 270 2.91 -17.34 -1.92
N TRP A 271 3.30 -16.12 -2.28
CA TRP A 271 3.20 -15.64 -3.66
C TRP A 271 4.61 -15.63 -4.26
N SER A 272 4.92 -16.63 -5.10
CA SER A 272 4.06 -17.69 -5.63
C SER A 272 4.96 -18.86 -6.02
N SER A 273 4.36 -19.98 -6.38
CA SER A 273 5.17 -21.14 -6.76
C SER A 273 5.99 -20.86 -8.02
N THR A 274 5.41 -20.16 -9.00
CA THR A 274 6.17 -19.94 -10.23
C THR A 274 7.37 -19.04 -9.98
N ARG A 275 7.27 -18.14 -9.00
CA ARG A 275 8.37 -17.24 -8.69
C ARG A 275 9.49 -17.91 -7.90
N ASP A 276 9.33 -19.18 -7.52
CA ASP A 276 10.30 -19.89 -6.68
C ASP A 276 11.45 -20.45 -7.52
N LYS A 277 12.10 -19.54 -8.24
CA LYS A 277 13.34 -19.86 -8.93
C LYS A 277 14.07 -18.57 -9.25
N GLN A 278 15.37 -18.70 -9.52
CA GLN A 278 16.20 -17.54 -9.81
C GLN A 278 15.93 -17.02 -11.21
N CYS A 279 15.90 -15.70 -11.36
CA CYS A 279 15.72 -15.11 -12.68
C CYS A 279 16.91 -15.41 -13.58
N ALA A 280 16.64 -15.39 -14.88
CA ALA A 280 17.70 -15.62 -15.87
C ALA A 280 18.81 -14.59 -15.77
N ALA A 281 18.50 -13.36 -15.34
CA ALA A 281 19.55 -12.36 -15.20
C ALA A 281 20.28 -12.43 -13.87
N GLY A 282 19.89 -13.35 -12.98
CA GLY A 282 20.47 -13.37 -11.65
C GLY A 282 19.62 -12.57 -10.67
N ALA A 283 20.26 -11.82 -9.78
CA ALA A 283 19.51 -10.95 -8.88
C ALA A 283 19.02 -9.71 -9.64
N VAL A 284 17.74 -9.37 -9.50
CA VAL A 284 17.25 -8.15 -10.14
C VAL A 284 16.49 -7.33 -9.09
N ASN A 285 16.38 -6.04 -9.37
CA ASN A 285 15.93 -5.05 -8.38
C ASN A 285 14.46 -4.69 -8.55
N HIS A 286 13.66 -5.60 -9.09
CA HIS A 286 12.21 -5.42 -9.17
C HIS A 286 11.58 -6.81 -9.22
N ALA A 287 10.29 -6.87 -8.94
CA ALA A 287 9.55 -8.13 -8.92
C ALA A 287 9.17 -8.57 -10.34
N ASP A 288 9.10 -9.89 -10.51
CA ASP A 288 8.81 -10.57 -11.77
C ASP A 288 7.83 -11.68 -11.49
N ALA A 289 6.90 -11.93 -12.42
CA ALA A 289 5.92 -12.97 -12.17
C ALA A 289 6.49 -14.38 -12.28
N THR A 290 7.71 -14.57 -12.82
CA THR A 290 8.20 -15.92 -13.11
C THR A 290 9.48 -16.28 -12.37
N CYS A 291 9.91 -15.46 -11.43
CA CYS A 291 11.12 -15.74 -10.66
C CYS A 291 11.11 -14.82 -9.44
N SER A 292 12.10 -14.98 -8.56
CA SER A 292 12.07 -14.32 -7.27
C SER A 292 12.89 -13.06 -7.20
N SER A 293 13.74 -12.83 -8.19
CA SER A 293 14.66 -11.70 -8.27
C SER A 293 15.80 -11.77 -7.25
N ILE A 294 15.90 -12.85 -6.47
CA ILE A 294 17.07 -13.07 -5.62
C ILE A 294 17.84 -14.32 -6.08
N LEU A 295 19.07 -14.45 -5.59
CA LEU A 295 19.84 -15.66 -5.85
C LEU A 295 19.30 -16.80 -5.00
N GLN A 296 19.08 -17.95 -5.64
CA GLN A 296 18.52 -19.14 -4.99
C GLN A 296 18.64 -20.32 -5.93
N GLN A 297 18.52 -21.53 -5.34
CA GLN A 297 18.31 -22.75 -6.11
C GLN A 297 16.83 -22.91 -6.39
N PRO A 298 16.47 -23.65 -7.44
CA PRO A 298 15.05 -23.86 -7.74
C PRO A 298 14.31 -24.47 -6.55
N LEU A 299 13.09 -24.00 -6.34
CA LEU A 299 12.18 -24.48 -5.28
C LEU A 299 12.75 -24.25 -3.87
N ALA A 300 13.61 -23.25 -3.71
CA ALA A 300 14.20 -22.99 -2.40
C ALA A 300 13.14 -22.63 -1.37
N PHE A 301 12.22 -21.73 -1.73
CA PHE A 301 11.21 -21.31 -0.77
C PHE A 301 10.24 -22.46 -0.48
N THR A 302 9.88 -23.24 -1.50
CA THR A 302 8.98 -24.38 -1.29
C THR A 302 9.59 -25.39 -0.31
N LYS A 303 10.88 -25.70 -0.47
CA LYS A 303 11.56 -26.57 0.48
C LYS A 303 11.65 -25.94 1.87
N ALA A 304 11.85 -24.62 1.94
CA ALA A 304 11.91 -23.94 3.24
C ALA A 304 10.57 -24.02 3.97
N PHE A 305 9.48 -23.70 3.28
CA PHE A 305 8.18 -23.71 3.91
C PHE A 305 7.69 -25.12 4.17
N ALA A 306 8.24 -26.12 3.46
CA ALA A 306 7.83 -27.49 3.69
C ALA A 306 8.17 -27.95 5.10
N ALA A 307 9.07 -27.24 5.78
CA ALA A 307 9.40 -27.57 7.16
C ALA A 307 8.21 -27.40 8.10
N TYR A 308 7.16 -26.71 7.68
CA TYR A 308 6.01 -26.52 8.57
C TYR A 308 5.06 -27.71 8.58
N LYS A 309 5.24 -28.70 7.71
CA LYS A 309 4.33 -29.85 7.65
C LYS A 309 4.53 -30.79 8.84
N ALA B 15 0.75 29.44 -3.20
CA ALA B 15 0.94 29.09 -4.61
C ALA B 15 0.23 27.78 -4.94
N ARG B 16 0.05 27.54 -6.25
CA ARG B 16 -0.74 26.41 -6.72
C ARG B 16 0.09 25.16 -7.01
N TYR B 17 1.42 25.27 -7.08
CA TYR B 17 2.27 24.11 -7.30
C TYR B 17 3.54 24.29 -6.50
N ALA B 18 3.90 23.28 -5.71
CA ALA B 18 5.07 23.35 -4.84
C ALA B 18 5.68 21.96 -4.67
N PRO B 19 6.57 21.56 -5.58
CA PRO B 19 7.09 20.19 -5.54
C PRO B 19 8.01 19.96 -4.35
N TYR B 20 8.05 18.71 -3.90
CA TYR B 20 8.92 18.36 -2.77
C TYR B 20 10.38 18.31 -3.21
N VAL B 21 11.25 18.84 -2.36
CA VAL B 21 12.70 18.76 -2.49
C VAL B 21 13.26 18.08 -1.24
N ASP B 22 13.91 16.93 -1.43
CA ASP B 22 14.58 16.24 -0.33
C ASP B 22 15.94 16.92 -0.14
N THR B 23 16.05 17.71 0.92
CA THR B 23 17.28 18.47 1.13
C THR B 23 18.48 17.61 1.53
N SER B 24 18.25 16.31 1.84
N SER B 24 18.28 16.33 1.86
CA SER B 24 19.32 15.43 2.29
CA SER B 24 19.41 15.52 2.30
C SER B 24 20.15 14.88 1.15
C SER B 24 20.09 14.76 1.17
N LEU B 25 19.63 14.92 -0.07
CA LEU B 25 20.32 14.36 -1.22
C LEU B 25 21.49 15.24 -1.62
N TYR B 26 22.58 14.62 -2.06
CA TYR B 26 23.77 15.31 -2.47
C TYR B 26 23.99 15.17 -3.97
N PRO B 27 24.37 16.25 -4.68
CA PRO B 27 24.57 17.62 -4.18
C PRO B 27 23.25 18.30 -3.82
N ALA B 28 23.30 19.35 -2.99
CA ALA B 28 22.09 20.05 -2.58
C ALA B 28 21.35 20.63 -3.77
N TYR B 29 20.04 20.45 -3.79
CA TYR B 29 19.23 20.92 -4.90
C TYR B 29 19.37 22.44 -5.06
N ASP B 30 19.44 22.89 -6.31
CA ASP B 30 19.52 24.32 -6.63
C ASP B 30 18.12 24.87 -6.88
N LEU B 31 17.54 25.55 -5.89
CA LEU B 31 16.18 26.06 -6.02
C LEU B 31 16.13 27.16 -7.07
N LEU B 32 17.12 28.05 -7.05
CA LEU B 32 17.08 29.21 -7.93
C LEU B 32 17.27 28.83 -9.39
N ALA B 33 18.03 27.76 -9.68
CA ALA B 33 18.18 27.36 -11.08
C ALA B 33 16.86 26.84 -11.63
N THR B 34 16.12 26.09 -10.83
CA THR B 34 14.82 25.61 -11.28
C THR B 34 13.83 26.76 -11.43
N ALA B 35 13.91 27.75 -10.54
CA ALA B 35 13.01 28.90 -10.64
C ALA B 35 13.27 29.71 -11.91
N ASP B 36 14.54 29.98 -12.21
CA ASP B 36 14.86 30.70 -13.44
C ASP B 36 14.49 29.89 -14.68
N ALA B 37 14.58 28.56 -14.61
CA ALA B 37 14.36 27.74 -15.79
C ALA B 37 12.89 27.43 -16.04
N THR B 38 12.04 27.46 -15.00
CA THR B 38 10.65 27.03 -15.11
C THR B 38 9.63 28.03 -14.58
N GLY B 39 10.07 29.05 -13.84
CA GLY B 39 9.15 29.94 -13.17
C GLY B 39 8.60 29.40 -11.87
N VAL B 40 8.87 28.14 -11.54
CA VAL B 40 8.37 27.55 -10.30
C VAL B 40 9.25 28.05 -9.15
N LYS B 41 8.67 28.86 -8.25
CA LYS B 41 9.42 29.49 -7.18
C LYS B 41 8.97 29.05 -5.79
N GLU B 42 8.13 28.03 -5.70
CA GLU B 42 7.62 27.56 -4.42
C GLU B 42 7.89 26.06 -4.29
N PHE B 43 8.37 25.66 -3.12
CA PHE B 43 8.81 24.29 -2.92
C PHE B 43 8.37 23.84 -1.53
N ASN B 44 8.14 22.53 -1.41
CA ASN B 44 8.02 21.83 -0.13
C ASN B 44 9.39 21.25 0.21
N LEU B 45 10.10 21.88 1.14
CA LEU B 45 11.40 21.37 1.56
C LEU B 45 11.22 20.24 2.57
N ALA B 46 11.87 19.10 2.32
CA ALA B 46 11.66 17.88 3.09
C ALA B 46 12.98 17.29 3.54
N PHE B 47 13.00 16.69 4.73
CA PHE B 47 12.06 16.65 5.83
C PHE B 47 12.79 17.01 7.12
N ILE B 48 12.08 17.66 8.02
CA ILE B 48 12.52 17.80 9.39
C ILE B 48 12.08 16.57 10.16
N THR B 49 13.03 15.91 10.82
CA THR B 49 12.75 14.77 11.69
C THR B 49 13.70 14.81 12.89
N SER B 50 13.60 13.80 13.75
CA SER B 50 14.42 13.71 14.95
C SER B 50 15.74 13.02 14.62
N GLY B 51 16.83 13.50 15.22
CA GLY B 51 18.10 12.82 15.10
C GLY B 51 18.41 12.08 16.37
N GLY B 52 17.36 11.80 17.15
CA GLY B 52 17.51 11.04 18.37
C GLY B 52 16.75 11.66 19.53
N SER B 53 16.49 12.96 19.46
CA SER B 53 15.88 13.67 20.58
C SER B 53 14.81 14.59 20.03
N CYS B 54 14.36 15.54 20.85
CA CYS B 54 13.34 16.48 20.41
C CYS B 54 13.92 17.64 19.58
N ALA B 55 15.20 17.61 19.26
CA ALA B 55 15.78 18.66 18.44
C ALA B 55 15.44 18.43 16.96
N PRO B 56 14.97 19.46 16.24
CA PRO B 56 14.62 19.28 14.82
C PRO B 56 15.88 19.27 13.95
N LEU B 57 15.95 18.30 13.03
CA LEU B 57 17.09 18.17 12.13
C LEU B 57 16.61 17.81 10.73
N TRP B 58 17.18 18.47 9.71
CA TRP B 58 16.92 18.10 8.32
C TRP B 58 17.43 16.69 8.06
N GLY B 59 16.55 15.81 7.58
CA GLY B 59 16.92 14.43 7.35
C GLY B 59 17.41 13.71 8.58
N GLY B 60 17.07 14.21 9.76
CA GLY B 60 17.60 13.68 10.99
C GLY B 60 19.09 13.82 11.19
N VAL B 61 19.78 14.65 10.38
CA VAL B 61 21.25 14.66 10.38
C VAL B 61 21.87 16.06 10.34
N THR B 62 21.14 17.07 9.87
CA THR B 62 21.73 18.39 9.65
C THR B 62 20.97 19.45 10.44
N ASP B 63 21.70 20.33 11.13
CA ASP B 63 21.03 21.35 11.94
C ASP B 63 20.43 22.43 11.02
N LEU B 64 19.59 23.27 11.61
CA LEU B 64 18.80 24.23 10.83
C LEU B 64 19.69 25.23 10.08
N ALA B 65 20.80 25.63 10.69
CA ALA B 65 21.64 26.66 10.06
C ALA B 65 22.57 26.08 9.00
N ASN B 66 22.76 24.76 8.94
CA ASN B 66 23.74 24.15 8.06
C ASN B 66 23.15 23.55 6.79
N ASP B 67 21.85 23.32 6.74
CA ASP B 67 21.27 22.69 5.55
C ASP B 67 21.43 23.60 4.34
N LYS B 68 22.06 23.07 3.28
CA LYS B 68 22.38 23.93 2.15
C LYS B 68 21.18 24.24 1.25
N VAL B 69 20.09 23.51 1.36
CA VAL B 69 18.90 23.89 0.59
C VAL B 69 18.10 24.95 1.34
N ALA B 70 17.85 24.73 2.64
CA ALA B 70 17.18 25.75 3.44
C ALA B 70 17.94 27.07 3.42
N ALA B 71 19.26 27.01 3.19
CA ALA B 71 20.07 28.22 3.15
C ALA B 71 19.70 29.12 1.98
N GLN B 72 18.99 28.58 0.98
CA GLN B 72 18.59 29.33 -0.21
C GLN B 72 17.25 30.05 -0.04
N ILE B 73 16.59 29.93 1.11
CA ILE B 73 15.25 30.49 1.28
C ILE B 73 15.25 31.99 1.04
N GLY B 74 16.21 32.70 1.63
CA GLY B 74 16.27 34.14 1.45
C GLY B 74 16.38 34.53 -0.01
N ALA B 75 17.31 33.90 -0.72
CA ALA B 75 17.50 34.20 -2.14
C ALA B 75 16.27 33.84 -2.96
N LEU B 76 15.59 32.74 -2.60
CA LEU B 76 14.37 32.37 -3.33
C LEU B 76 13.25 33.37 -3.09
N ARG B 77 13.16 33.90 -1.86
CA ARG B 77 12.13 34.90 -1.58
C ARG B 77 12.40 36.19 -2.34
N ALA B 78 13.66 36.55 -2.50
CA ALA B 78 13.99 37.75 -3.26
C ALA B 78 13.57 37.62 -4.71
N LYS B 79 13.43 36.38 -5.21
CA LYS B 79 12.98 36.14 -6.57
C LYS B 79 11.46 36.06 -6.65
N GLY B 80 10.76 36.26 -5.54
CA GLY B 80 9.33 36.17 -5.49
C GLY B 80 8.77 34.84 -5.01
N GLY B 81 9.63 33.93 -4.55
CA GLY B 81 9.21 32.61 -4.15
C GLY B 81 9.15 32.43 -2.64
N ASP B 82 8.95 31.18 -2.23
CA ASP B 82 8.74 30.83 -0.83
C ASP B 82 8.80 29.31 -0.70
N VAL B 83 8.81 28.84 0.55
CA VAL B 83 8.90 27.43 0.86
C VAL B 83 7.88 27.05 1.92
N ARG B 84 7.43 25.81 1.84
CA ARG B 84 6.72 25.13 2.91
C ARG B 84 7.65 24.05 3.43
N VAL B 85 7.82 23.98 4.74
CA VAL B 85 8.74 23.00 5.33
C VAL B 85 7.90 21.83 5.82
N SER B 86 8.33 20.62 5.46
CA SER B 86 7.60 19.40 5.76
C SER B 86 8.31 18.65 6.88
N PHE B 87 7.53 18.21 7.85
CA PHE B 87 8.00 17.38 8.95
C PHE B 87 7.55 15.96 8.70
N GLY B 88 8.45 15.00 8.93
CA GLY B 88 8.07 13.61 8.79
C GLY B 88 8.62 12.91 7.55
N GLY B 89 7.74 12.28 6.77
CA GLY B 89 8.14 11.53 5.61
C GLY B 89 8.30 10.05 5.89
N ALA B 90 8.60 9.31 4.82
CA ALA B 90 8.62 7.85 4.93
C ALA B 90 9.82 7.36 5.72
N ALA B 91 10.98 7.99 5.54
CA ALA B 91 12.22 7.38 5.97
C ALA B 91 12.60 7.72 7.41
N GLY B 92 12.22 8.89 7.90
CA GLY B 92 12.73 9.39 9.16
C GLY B 92 11.75 9.19 10.31
N HIS B 93 12.17 9.67 11.47
CA HIS B 93 11.43 9.49 12.72
C HIS B 93 10.80 10.82 13.13
N GLU B 94 9.48 10.90 13.02
CA GLU B 94 8.80 12.17 13.20
C GLU B 94 8.91 12.64 14.65
N LEU B 95 9.00 13.96 14.83
CA LEU B 95 9.30 14.51 16.16
C LEU B 95 8.22 14.18 17.20
N ALA B 96 6.97 13.99 16.78
CA ALA B 96 5.95 13.64 17.77
C ALA B 96 6.27 12.34 18.47
N LEU B 97 7.06 11.46 17.84
CA LEU B 97 7.49 10.21 18.47
C LEU B 97 8.84 10.33 19.14
N ASN B 98 9.35 11.55 19.31
CA ASN B 98 10.62 11.78 20.02
C ASN B 98 10.58 13.00 20.93
N CYS B 99 9.41 13.52 21.26
CA CYS B 99 9.24 14.63 22.18
C CYS B 99 8.32 14.18 23.32
N SER B 100 8.63 14.60 24.54
CA SER B 100 7.92 14.08 25.71
C SER B 100 6.47 14.58 25.81
N SER B 101 6.14 15.71 25.19
CA SER B 101 4.87 16.34 25.46
C SER B 101 4.53 17.26 24.31
N SER B 102 3.28 17.73 24.28
CA SER B 102 2.86 18.62 23.21
C SER B 102 3.58 19.97 23.29
N SER B 103 3.83 20.47 24.50
CA SER B 103 4.55 21.74 24.58
C SER B 103 5.99 21.58 24.10
N ALA B 104 6.65 20.48 24.47
CA ALA B 104 8.00 20.22 23.99
C ALA B 104 8.02 20.06 22.48
N LEU B 105 7.03 19.35 21.93
CA LEU B 105 6.89 19.21 20.48
C LEU B 105 6.65 20.56 19.81
N ALA B 106 5.73 21.36 20.37
CA ALA B 106 5.48 22.72 19.86
C ALA B 106 6.76 23.55 19.84
N ALA B 107 7.58 23.47 20.89
CA ALA B 107 8.85 24.19 20.87
C ALA B 107 9.71 23.76 19.69
N ALA B 108 9.80 22.44 19.45
CA ALA B 108 10.58 21.90 18.34
C ALA B 108 10.08 22.42 17.00
N TYR B 109 8.77 22.33 16.76
CA TYR B 109 8.23 22.88 15.52
C TYR B 109 8.50 24.37 15.42
N GLY B 110 8.30 25.11 16.52
CA GLY B 110 8.46 26.55 16.49
C GLY B 110 9.87 27.00 16.22
N LYS B 111 10.85 26.19 16.63
CA LYS B 111 12.23 26.48 16.26
C LYS B 111 12.39 26.58 14.76
N VAL B 112 11.74 25.68 14.02
CA VAL B 112 11.86 25.69 12.56
C VAL B 112 11.12 26.87 11.97
N VAL B 113 9.89 27.10 12.43
CA VAL B 113 9.11 28.24 11.96
C VAL B 113 9.84 29.55 12.21
N ASP B 114 10.40 29.72 13.41
CA ASP B 114 11.06 30.96 13.73
C ASP B 114 12.40 31.12 13.00
N GLN B 115 13.12 30.01 12.80
CA GLN B 115 14.43 30.09 12.15
C GLN B 115 14.31 30.66 10.73
N TYR B 116 13.31 30.19 9.98
CA TYR B 116 13.15 30.60 8.59
C TYR B 116 12.00 31.57 8.37
N LYS B 117 11.36 32.03 9.44
CA LYS B 117 10.17 32.88 9.33
C LYS B 117 9.13 32.24 8.40
N LEU B 118 8.77 31.01 8.72
CA LEU B 118 7.85 30.27 7.88
C LEU B 118 6.43 30.79 8.05
N THR B 119 5.67 30.78 6.96
CA THR B 119 4.24 30.98 7.00
C THR B 119 3.49 29.74 6.51
N LYS B 120 4.21 28.69 6.11
CA LYS B 120 3.62 27.44 5.64
C LYS B 120 4.39 26.27 6.21
N VAL B 121 3.66 25.27 6.73
CA VAL B 121 4.29 24.02 7.16
C VAL B 121 3.42 22.86 6.72
N ASP B 122 4.05 21.68 6.69
CA ASP B 122 3.46 20.43 6.22
C ASP B 122 3.85 19.30 7.17
N PHE B 123 2.87 18.46 7.50
CA PHE B 123 3.10 17.30 8.36
C PHE B 123 2.78 16.04 7.57
N ASP B 124 3.86 15.38 7.16
CA ASP B 124 3.82 14.20 6.29
C ASP B 124 3.88 12.99 7.22
N ILE B 125 2.72 12.39 7.48
CA ILE B 125 2.56 11.40 8.55
C ILE B 125 2.30 10.06 7.87
N GLU B 126 3.30 9.17 7.93
CA GLU B 126 3.29 7.91 7.19
C GLU B 126 3.73 6.77 8.10
N GLY B 127 3.56 5.56 7.58
CA GLY B 127 4.09 4.37 8.20
C GLY B 127 3.67 4.20 9.63
N ALA B 128 4.60 3.75 10.46
CA ALA B 128 4.29 3.42 11.85
C ALA B 128 3.75 4.61 12.64
N ALA B 129 4.04 5.84 12.22
CA ALA B 129 3.56 6.99 12.98
C ALA B 129 2.05 7.18 12.82
N LEU B 130 1.53 6.86 11.64
CA LEU B 130 0.16 7.25 11.32
C LEU B 130 -0.87 6.60 12.24
N PRO B 131 -0.81 5.32 12.58
CA PRO B 131 -1.79 4.75 13.52
C PRO B 131 -1.55 5.08 14.98
N ASP B 132 -0.53 5.87 15.33
CA ASP B 132 -0.22 6.16 16.74
C ASP B 132 -1.10 7.29 17.24
N THR B 133 -2.25 6.91 17.81
CA THR B 133 -3.26 7.90 18.15
C THR B 133 -2.79 8.87 19.25
N ALA B 134 -1.98 8.40 20.19
CA ALA B 134 -1.44 9.30 21.22
C ALA B 134 -0.48 10.32 20.61
N ALA B 135 0.36 9.89 19.69
CA ALA B 135 1.23 10.83 19.00
C ALA B 135 0.43 11.81 18.15
N ASN B 136 -0.64 11.33 17.52
CA ASN B 136 -1.43 12.24 16.72
C ASN B 136 -2.05 13.32 17.60
N THR B 137 -2.48 12.93 18.80
CA THR B 137 -3.07 13.92 19.71
C THR B 137 -2.03 14.91 20.20
N ARG B 138 -0.82 14.45 20.54
CA ARG B 138 0.21 15.38 20.99
C ARG B 138 0.59 16.33 19.86
N ARG B 139 0.65 15.82 18.62
CA ARG B 139 0.99 16.67 17.49
C ARG B 139 -0.10 17.70 17.23
N ALA B 140 -1.38 17.30 17.27
CA ALA B 140 -2.46 18.25 17.08
C ALA B 140 -2.44 19.34 18.14
N GLN B 141 -2.27 18.96 19.42
CA GLN B 141 -2.10 19.95 20.47
C GLN B 141 -0.97 20.92 20.15
N ALA B 142 0.17 20.40 19.67
CA ALA B 142 1.29 21.28 19.39
C ALA B 142 0.99 22.21 18.22
N ILE B 143 0.39 21.69 17.15
CA ILE B 143 0.09 22.51 15.98
C ILE B 143 -0.93 23.59 16.34
N ALA B 144 -1.90 23.27 17.21
CA ALA B 144 -2.87 24.29 17.61
C ALA B 144 -2.19 25.39 18.42
N GLN B 145 -1.35 24.99 19.39
CA GLN B 145 -0.46 25.93 20.07
C GLN B 145 0.24 26.86 19.09
N LEU B 146 0.81 26.26 18.04
CA LEU B 146 1.59 26.99 17.04
C LEU B 146 0.72 27.94 16.22
N GLN B 147 -0.48 27.49 15.82
CA GLN B 147 -1.37 28.37 15.07
C GLN B 147 -1.87 29.55 15.89
N ARG B 148 -1.86 29.45 17.23
CA ARG B 148 -2.16 30.62 18.04
C ARG B 148 -0.98 31.59 18.10
N SER B 149 0.22 31.08 18.40
CA SER B 149 1.35 31.99 18.52
C SER B 149 1.77 32.54 17.16
N HIS B 150 1.38 31.89 16.07
CA HIS B 150 1.73 32.33 14.72
C HIS B 150 0.46 32.42 13.88
N PRO B 151 -0.35 33.47 14.08
CA PRO B 151 -1.60 33.57 13.33
C PRO B 151 -1.34 33.52 11.83
N GLY B 152 -2.25 32.86 11.11
CA GLY B 152 -2.08 32.71 9.69
C GLY B 152 -1.06 31.67 9.26
N LEU B 153 -0.29 31.08 10.19
CA LEU B 153 0.54 29.93 9.82
C LEU B 153 -0.31 28.88 9.12
N ASN B 154 0.01 28.63 7.84
CA ASN B 154 -0.73 27.70 7.01
C ASN B 154 -0.25 26.27 7.25
N VAL B 155 -1.18 25.36 7.52
CA VAL B 155 -0.88 23.99 7.96
C VAL B 155 -1.48 22.98 6.97
N SER B 156 -0.63 22.11 6.41
CA SER B 156 -1.12 21.00 5.61
C SER B 156 -0.74 19.68 6.28
N PHE B 157 -1.61 18.70 6.15
CA PHE B 157 -1.34 17.31 6.50
C PHE B 157 -1.25 16.51 5.20
N THR B 158 -0.15 15.79 5.06
CA THR B 158 0.14 14.98 3.89
C THR B 158 0.03 13.51 4.32
N LEU B 159 -0.82 12.76 3.62
CA LEU B 159 -1.32 11.49 4.12
C LEU B 159 -1.38 10.47 2.99
N PRO B 160 -1.32 9.19 3.31
CA PRO B 160 -1.48 8.19 2.26
C PRO B 160 -2.91 8.17 1.74
N VAL B 161 -3.07 7.66 0.53
CA VAL B 161 -4.38 7.64 -0.11
C VAL B 161 -4.47 6.44 -1.04
N MET B 162 -5.68 5.97 -1.26
CA MET B 162 -6.00 5.02 -2.31
C MET B 162 -6.91 5.68 -3.31
N PRO B 163 -7.16 5.04 -4.47
CA PRO B 163 -8.11 5.64 -5.42
C PRO B 163 -9.49 5.81 -4.82
N GLU B 164 -9.79 5.08 -3.75
CA GLU B 164 -11.04 5.19 -3.04
C GLU B 164 -10.97 6.22 -1.91
N GLY B 165 -9.86 6.95 -1.78
CA GLY B 165 -9.76 8.04 -0.84
C GLY B 165 -8.80 7.74 0.29
N LEU B 166 -8.87 8.60 1.32
CA LEU B 166 -8.05 8.45 2.51
C LEU B 166 -8.27 7.10 3.17
N THR B 167 -7.21 6.57 3.79
CA THR B 167 -7.36 5.40 4.63
C THR B 167 -7.97 5.80 5.97
N GLN B 168 -8.52 4.82 6.68
CA GLN B 168 -9.09 5.11 7.99
C GLN B 168 -8.10 5.78 8.95
N PRO B 169 -6.84 5.35 9.07
CA PRO B 169 -5.93 6.09 9.97
C PRO B 169 -5.77 7.56 9.59
N GLY B 170 -5.76 7.88 8.31
CA GLY B 170 -5.73 9.28 7.90
C GLY B 170 -6.98 10.05 8.30
N VAL B 171 -8.16 9.46 8.03
CA VAL B 171 -9.40 10.09 8.47
C VAL B 171 -9.36 10.33 9.98
N ASP B 172 -8.95 9.30 10.74
CA ASP B 172 -8.89 9.42 12.20
C ASP B 172 -7.93 10.52 12.63
N LEU B 173 -6.80 10.64 11.94
CA LEU B 173 -5.86 11.71 12.27
C LEU B 173 -6.52 13.08 12.07
N LEU B 174 -7.22 13.24 10.94
CA LEU B 174 -7.88 14.53 10.66
C LEU B 174 -8.96 14.84 11.67
N ALA B 175 -9.78 13.84 12.03
CA ALA B 175 -10.80 14.07 13.04
C ALA B 175 -10.17 14.48 14.37
N ASP B 176 -9.06 13.85 14.72
CA ASP B 176 -8.34 14.21 15.93
C ASP B 176 -7.79 15.63 15.84
N ALA B 177 -7.22 16.00 14.68
CA ALA B 177 -6.75 17.36 14.47
C ALA B 177 -7.85 18.38 14.76
N LYS B 178 -9.00 18.22 14.08
CA LYS B 178 -10.10 19.14 14.28
C LYS B 178 -10.54 19.17 15.75
N ARG B 179 -10.68 17.99 16.36
CA ARG B 179 -11.11 17.94 17.75
C ARG B 179 -10.17 18.71 18.67
N ASN B 180 -8.89 18.80 18.33
CA ASN B 180 -7.92 19.47 19.18
C ASN B 180 -7.59 20.89 18.71
N GLY B 181 -8.42 21.46 17.84
CA GLY B 181 -8.32 22.88 17.53
C GLY B 181 -7.40 23.24 16.39
N VAL B 182 -6.97 22.28 15.57
CA VAL B 182 -6.14 22.60 14.41
C VAL B 182 -7.04 23.13 13.30
N ARG B 183 -6.59 24.20 12.64
CA ARG B 183 -7.21 24.63 11.39
C ARG B 183 -6.40 23.98 10.27
N VAL B 184 -6.94 22.91 9.69
CA VAL B 184 -6.24 22.22 8.60
C VAL B 184 -6.52 22.98 7.31
N ASP B 185 -5.47 23.53 6.70
CA ASP B 185 -5.67 24.32 5.50
C ASP B 185 -5.62 23.48 4.24
N ALA B 186 -4.84 22.40 4.25
CA ALA B 186 -4.89 21.48 3.13
C ALA B 186 -4.66 20.06 3.61
N VAL B 187 -5.30 19.12 2.91
CA VAL B 187 -5.13 17.68 3.06
C VAL B 187 -4.49 17.22 1.77
N ASN B 188 -3.19 16.95 1.81
CA ASN B 188 -2.38 16.64 0.64
C ASN B 188 -2.25 15.13 0.54
N ILE B 189 -2.85 14.54 -0.46
CA ILE B 189 -2.85 13.09 -0.62
C ILE B 189 -1.66 12.63 -1.44
N MET B 190 -1.05 11.55 -0.97
CA MET B 190 0.14 10.93 -1.56
C MET B 190 -0.38 9.93 -2.58
N ALA B 191 -0.61 10.43 -3.81
CA ALA B 191 -1.29 9.65 -4.85
C ALA B 191 -0.27 8.79 -5.59
N MET B 192 0.16 7.74 -4.89
CA MET B 192 1.27 6.91 -5.28
C MET B 192 1.14 5.57 -4.57
N ASP B 193 1.86 4.57 -5.09
CA ASP B 193 2.15 3.34 -4.36
C ASP B 193 0.89 2.61 -3.89
N TYR B 194 -0.09 2.48 -4.78
CA TYR B 194 -1.35 1.87 -4.35
C TYR B 194 -1.19 0.37 -4.11
N GLY B 195 -0.35 -0.32 -4.88
CA GLY B 195 -0.17 -1.75 -4.69
C GLY B 195 -0.39 -2.51 -5.98
N PRO B 196 -0.13 -3.82 -5.98
CA PRO B 196 -0.22 -4.60 -7.24
C PRO B 196 -1.63 -4.71 -7.80
N ALA B 197 -2.66 -4.42 -6.99
CA ALA B 197 -4.03 -4.49 -7.48
C ALA B 197 -4.44 -3.24 -8.25
N TYR B 198 -3.52 -2.30 -8.44
CA TYR B 198 -3.78 -1.04 -9.12
C TYR B 198 -2.64 -0.82 -10.11
N SER B 199 -2.85 -1.21 -11.36
CA SER B 199 -1.77 -1.08 -12.35
C SER B 199 -2.27 -0.40 -13.62
N ALA B 200 -3.44 0.25 -13.55
CA ALA B 200 -3.96 1.06 -14.64
C ALA B 200 -3.33 2.45 -14.59
N ASP B 201 -3.96 3.43 -15.25
CA ASP B 201 -3.31 4.73 -15.42
C ASP B 201 -3.27 5.51 -14.12
N MET B 202 -2.09 6.05 -13.77
CA MET B 202 -2.00 6.70 -12.48
C MET B 202 -2.49 8.14 -12.47
N GLY B 203 -2.68 8.78 -13.62
CA GLY B 203 -3.39 10.05 -13.62
C GLY B 203 -4.84 9.87 -13.20
N THR B 204 -5.50 8.86 -13.77
CA THR B 204 -6.89 8.60 -13.41
C THR B 204 -7.01 8.23 -11.94
N TYR B 205 -6.05 7.46 -11.42
CA TYR B 205 -6.10 7.11 -10.00
C TYR B 205 -5.98 8.35 -9.13
N ALA B 206 -5.11 9.29 -9.52
CA ALA B 206 -4.96 10.50 -8.71
C ALA B 206 -6.24 11.30 -8.69
N VAL B 207 -6.90 11.36 -9.85
CA VAL B 207 -8.16 12.09 -9.96
C VAL B 207 -9.23 11.44 -9.11
N GLN B 208 -9.34 10.11 -9.20
CA GLN B 208 -10.30 9.41 -8.36
C GLN B 208 -9.98 9.59 -6.89
N ALA B 209 -8.69 9.49 -6.51
CA ALA B 209 -8.32 9.66 -5.11
C ALA B 209 -8.68 11.04 -4.62
N ALA B 210 -8.38 12.07 -5.42
CA ALA B 210 -8.68 13.43 -5.00
C ALA B 210 -10.19 13.62 -4.84
N THR B 211 -10.97 13.03 -5.73
CA THR B 211 -12.41 13.22 -5.70
C THR B 211 -13.01 12.58 -4.45
N ALA B 212 -12.63 11.34 -4.17
CA ALA B 212 -13.11 10.69 -2.94
C ALA B 212 -12.62 11.42 -1.70
N THR B 213 -11.40 11.93 -1.72
CA THR B 213 -10.89 12.66 -0.55
C THR B 213 -11.73 13.91 -0.29
N GLN B 214 -12.13 14.61 -1.35
CA GLN B 214 -12.99 15.78 -1.19
C GLN B 214 -14.23 15.41 -0.39
N ALA B 215 -14.83 14.28 -0.71
CA ALA B 215 -16.09 13.91 -0.07
C ALA B 215 -15.87 13.59 1.40
N GLN B 216 -14.73 12.97 1.71
CA GLN B 216 -14.43 12.60 3.09
C GLN B 216 -14.19 13.82 3.95
N ILE B 217 -13.31 14.72 3.50
CA ILE B 217 -12.95 15.84 4.35
C ILE B 217 -14.05 16.88 4.43
N LYS B 218 -14.98 16.89 3.47
CA LYS B 218 -16.17 17.70 3.63
C LYS B 218 -16.80 17.43 4.99
N GLY B 219 -16.95 16.15 5.31
CA GLY B 219 -17.50 15.75 6.60
C GLY B 219 -16.56 15.85 7.78
N VAL B 220 -15.32 15.38 7.62
N VAL B 220 -15.33 15.33 7.62
CA VAL B 220 -14.44 15.25 8.80
CA VAL B 220 -14.41 15.26 8.75
C VAL B 220 -13.93 16.61 9.25
C VAL B 220 -14.06 16.65 9.26
N LEU B 221 -13.78 17.56 8.34
CA LEU B 221 -13.38 18.93 8.66
C LEU B 221 -14.55 19.91 8.71
N GLY B 222 -15.75 19.47 8.36
CA GLY B 222 -16.93 20.34 8.40
C GLY B 222 -16.90 21.47 7.39
N LEU B 223 -16.62 21.16 6.12
CA LEU B 223 -16.49 22.17 5.09
C LEU B 223 -17.65 22.13 4.10
N SER B 224 -17.81 23.23 3.38
CA SER B 224 -18.69 23.25 2.21
C SER B 224 -18.02 22.55 1.04
N ASP B 225 -18.81 22.27 -0.01
CA ASP B 225 -18.26 21.73 -1.25
C ASP B 225 -17.08 22.55 -1.74
N ALA B 226 -17.26 23.87 -1.84
CA ALA B 226 -16.22 24.71 -2.38
C ALA B 226 -14.99 24.71 -1.48
N ALA B 227 -15.20 24.77 -0.16
CA ALA B 227 -14.09 24.78 0.78
C ALA B 227 -13.38 23.44 0.78
N ALA B 228 -14.14 22.33 0.68
CA ALA B 228 -13.50 21.02 0.62
C ALA B 228 -12.59 20.87 -0.60
N TRP B 229 -13.05 21.34 -1.77
CA TRP B 229 -12.19 21.29 -2.94
C TRP B 229 -10.94 22.15 -2.72
N LYS B 230 -11.11 23.35 -2.16
CA LYS B 230 -9.96 24.23 -1.89
C LYS B 230 -8.97 23.57 -0.93
N ALA B 231 -9.45 22.67 -0.06
CA ALA B 231 -8.60 22.02 0.92
C ALA B 231 -7.88 20.80 0.39
N VAL B 232 -8.24 20.29 -0.79
CA VAL B 232 -7.55 19.15 -1.36
C VAL B 232 -6.25 19.62 -2.00
N ALA B 233 -5.14 18.93 -1.70
CA ALA B 233 -3.90 18.99 -2.47
C ALA B 233 -3.53 17.58 -2.93
N VAL B 234 -2.77 17.48 -4.02
CA VAL B 234 -2.46 16.17 -4.59
C VAL B 234 -0.97 16.08 -4.93
N THR B 235 -0.33 15.02 -4.45
CA THR B 235 1.11 14.77 -4.66
C THR B 235 1.33 13.39 -5.25
N PRO B 236 1.54 13.26 -6.55
CA PRO B 236 1.94 11.96 -7.10
C PRO B 236 3.44 11.78 -6.98
N MET B 237 3.87 10.56 -7.27
CA MET B 237 5.29 10.22 -7.41
C MET B 237 5.57 10.05 -8.89
N ILE B 238 6.38 10.96 -9.44
CA ILE B 238 6.57 11.00 -10.87
C ILE B 238 7.38 9.79 -11.32
N GLY B 239 7.12 9.33 -12.55
CA GLY B 239 7.86 8.18 -13.06
C GLY B 239 7.54 6.91 -12.29
N VAL B 240 8.53 6.01 -12.23
CA VAL B 240 8.34 4.72 -11.57
C VAL B 240 8.16 4.93 -10.07
N ASN B 241 7.09 4.36 -9.51
CA ASN B 241 6.77 4.46 -8.09
C ASN B 241 7.55 3.42 -7.28
N ASP B 242 7.50 3.55 -5.94
CA ASP B 242 8.05 2.52 -5.07
C ASP B 242 7.39 1.18 -5.36
N VAL B 243 6.10 1.21 -5.69
CA VAL B 243 5.43 0.08 -6.34
C VAL B 243 5.83 0.13 -7.81
N SER B 244 6.77 -0.75 -8.21
CA SER B 244 7.50 -0.54 -9.46
C SER B 244 6.61 -0.69 -10.70
N SER B 245 5.53 -1.44 -10.61
CA SER B 245 4.65 -1.57 -11.77
C SER B 245 3.77 -0.34 -11.99
N GLU B 246 3.73 0.61 -11.05
CA GLU B 246 3.01 1.86 -11.23
C GLU B 246 3.94 2.94 -11.76
N ILE B 247 3.51 3.61 -12.82
CA ILE B 247 4.30 4.67 -13.47
C ILE B 247 3.40 5.87 -13.69
N PHE B 248 3.77 7.00 -13.11
CA PHE B 248 3.05 8.26 -13.30
C PHE B 248 3.79 9.01 -14.40
N THR B 249 3.15 9.20 -15.56
CA THR B 249 3.79 9.77 -16.73
C THR B 249 3.61 11.29 -16.81
N VAL B 250 4.33 11.92 -17.74
CA VAL B 250 4.13 13.34 -17.95
C VAL B 250 2.72 13.62 -18.43
N ASP B 251 2.15 12.70 -19.24
CA ASP B 251 0.75 12.86 -19.64
C ASP B 251 -0.18 12.82 -18.44
N ASP B 252 0.14 11.97 -17.45
CA ASP B 252 -0.64 11.94 -16.21
C ASP B 252 -0.54 13.27 -15.47
N ALA B 253 0.64 13.90 -15.49
CA ALA B 253 0.76 15.23 -14.92
C ALA B 253 -0.21 16.21 -15.57
N THR B 254 -0.30 16.20 -16.90
CA THR B 254 -1.21 17.08 -17.60
C THR B 254 -2.66 16.80 -17.23
N GLN B 255 -3.00 15.51 -17.10
CA GLN B 255 -4.34 15.13 -16.72
C GLN B 255 -4.69 15.66 -15.35
N LEU B 256 -3.76 15.52 -14.39
CA LEU B 256 -4.01 15.99 -13.05
C LEU B 256 -4.08 17.51 -13.00
N VAL B 257 -3.28 18.19 -13.82
CA VAL B 257 -3.35 19.65 -13.89
C VAL B 257 -4.71 20.10 -14.39
N ASP B 258 -5.19 19.47 -15.46
CA ASP B 258 -6.51 19.79 -15.99
C ASP B 258 -7.60 19.54 -14.96
N PHE B 259 -7.50 18.43 -14.23
CA PHE B 259 -8.45 18.17 -13.17
C PHE B 259 -8.37 19.24 -12.08
N ALA B 260 -7.16 19.61 -11.69
CA ALA B 260 -6.98 20.67 -10.69
C ALA B 260 -7.64 21.97 -11.16
N LYS B 261 -7.48 22.31 -12.44
CA LYS B 261 -8.05 23.55 -12.96
C LYS B 261 -9.57 23.51 -12.89
N SER B 262 -10.18 22.37 -13.20
CA SER B 262 -11.63 22.34 -13.23
C SER B 262 -12.23 22.36 -11.83
N LYS B 263 -11.49 21.93 -10.80
CA LYS B 263 -12.03 21.88 -9.45
C LYS B 263 -11.56 23.02 -8.55
N GLY B 264 -10.46 23.70 -8.90
CA GLY B 264 -9.90 24.67 -7.99
C GLY B 264 -9.33 24.06 -6.72
N ILE B 265 -8.61 22.94 -6.85
CA ILE B 265 -8.01 22.35 -5.66
C ILE B 265 -6.91 23.26 -5.15
N GLY B 266 -6.56 23.07 -3.87
CA GLY B 266 -5.61 23.95 -3.20
C GLY B 266 -4.24 24.06 -3.87
N TRP B 267 -3.55 22.94 -4.02
CA TRP B 267 -2.28 22.97 -4.74
C TRP B 267 -1.91 21.58 -5.21
N LEU B 268 -0.96 21.55 -6.13
CA LEU B 268 -0.32 20.34 -6.59
C LEU B 268 1.11 20.30 -6.07
N SER B 269 1.63 19.10 -5.90
CA SER B 269 3.04 18.90 -5.59
C SER B 269 3.44 17.58 -6.26
N MET B 270 4.57 17.03 -5.84
CA MET B 270 5.13 15.90 -6.57
C MET B 270 6.33 15.41 -5.79
N TRP B 271 6.47 14.10 -5.73
CA TRP B 271 7.68 13.45 -5.23
C TRP B 271 8.46 12.98 -6.45
N SER B 272 9.57 13.67 -6.76
CA SER B 272 10.11 14.86 -6.10
C SER B 272 10.86 15.68 -7.14
N SER B 273 11.36 16.85 -6.74
CA SER B 273 12.09 17.68 -7.69
C SER B 273 13.39 17.03 -8.17
N THR B 274 14.14 16.40 -7.27
CA THR B 274 15.42 15.82 -7.71
C THR B 274 15.19 14.69 -8.71
N ARG B 275 14.02 14.05 -8.65
CA ARG B 275 13.76 12.94 -9.56
C ARG B 275 13.28 13.39 -10.93
N ASP B 276 13.09 14.69 -11.15
CA ASP B 276 12.58 15.20 -12.42
C ASP B 276 13.66 15.27 -13.49
N LYS B 277 14.27 14.13 -13.77
CA LYS B 277 15.27 14.04 -14.83
C LYS B 277 15.48 12.57 -15.18
N GLN B 278 15.99 12.33 -16.38
CA GLN B 278 16.26 10.97 -16.82
C GLN B 278 17.46 10.38 -16.10
N CYS B 279 17.35 9.12 -15.68
CA CYS B 279 18.49 8.39 -15.12
C CYS B 279 19.59 8.18 -16.16
N ALA B 280 20.83 8.08 -15.67
CA ALA B 280 21.96 7.90 -16.57
C ALA B 280 21.77 6.68 -17.48
N ALA B 281 21.18 5.61 -16.93
CA ALA B 281 20.98 4.36 -17.67
C ALA B 281 19.77 4.41 -18.62
N GLY B 282 18.97 5.47 -18.58
CA GLY B 282 17.77 5.50 -19.39
C GLY B 282 16.55 5.09 -18.59
N ALA B 283 15.63 4.33 -19.19
CA ALA B 283 14.50 3.85 -18.40
C ALA B 283 14.96 2.75 -17.45
N VAL B 284 14.42 2.77 -16.23
CA VAL B 284 14.85 1.89 -15.16
C VAL B 284 13.64 1.17 -14.58
N ASN B 285 13.82 -0.11 -14.25
CA ASN B 285 12.72 -0.97 -13.80
C ASN B 285 12.32 -0.73 -12.34
N HIS B 286 12.86 0.30 -11.69
CA HIS B 286 12.54 0.55 -10.30
C HIS B 286 12.81 2.02 -10.00
N ALA B 287 12.26 2.48 -8.87
CA ALA B 287 12.43 3.86 -8.45
C ALA B 287 13.83 4.08 -7.90
N ASP B 288 14.34 5.28 -8.13
CA ASP B 288 15.61 5.78 -7.62
C ASP B 288 15.36 7.19 -7.10
N ALA B 289 16.17 7.62 -6.13
CA ALA B 289 15.89 8.90 -5.49
C ALA B 289 16.37 10.09 -6.30
N THR B 290 17.14 9.86 -7.38
CA THR B 290 17.81 10.95 -8.08
C THR B 290 17.34 11.14 -9.52
N CYS B 291 16.34 10.40 -9.97
CA CYS B 291 15.88 10.46 -11.35
C CYS B 291 14.52 9.75 -11.41
N SER B 292 13.89 9.78 -12.59
CA SER B 292 12.50 9.34 -12.68
C SER B 292 12.34 7.89 -13.09
N SER B 293 13.39 7.28 -13.63
CA SER B 293 13.38 5.94 -14.20
C SER B 293 12.57 5.85 -15.49
N ILE B 294 12.09 6.97 -16.02
CA ILE B 294 11.48 6.97 -17.34
C ILE B 294 12.28 7.90 -18.24
N LEU B 295 12.07 7.74 -19.55
CA LEU B 295 12.70 8.62 -20.52
C LEU B 295 11.98 9.96 -20.52
N GLN B 296 12.74 11.05 -20.48
CA GLN B 296 12.15 12.37 -20.35
C GLN B 296 13.20 13.43 -20.58
N GLN B 297 12.72 14.62 -20.95
CA GLN B 297 13.52 15.84 -20.92
C GLN B 297 13.70 16.30 -19.47
N PRO B 298 14.80 16.95 -19.15
CA PRO B 298 14.97 17.49 -17.80
C PRO B 298 13.85 18.46 -17.46
N LEU B 299 13.37 18.41 -16.21
CA LEU B 299 12.37 19.31 -15.67
C LEU B 299 11.00 19.16 -16.36
N ALA B 300 10.81 18.07 -17.10
CA ALA B 300 9.54 17.83 -17.79
C ALA B 300 8.34 17.91 -16.84
N PHE B 301 8.42 17.22 -15.69
CA PHE B 301 7.27 17.19 -14.79
C PHE B 301 7.05 18.54 -14.13
N THR B 302 8.12 19.21 -13.74
CA THR B 302 8.00 20.55 -13.19
C THR B 302 7.33 21.49 -14.17
N LYS B 303 7.68 21.38 -15.46
CA LYS B 303 7.12 22.28 -16.46
C LYS B 303 5.67 21.95 -16.75
N ALA B 304 5.32 20.67 -16.75
CA ALA B 304 3.92 20.30 -16.92
C ALA B 304 3.09 20.78 -15.75
N PHE B 305 3.60 20.62 -14.52
CA PHE B 305 2.81 20.99 -13.35
C PHE B 305 2.72 22.50 -13.19
N ALA B 306 3.72 23.23 -13.66
CA ALA B 306 3.68 24.69 -13.60
C ALA B 306 2.44 25.26 -14.29
N ALA B 307 1.77 24.47 -15.14
CA ALA B 307 0.58 24.96 -15.84
C ALA B 307 -0.54 25.30 -14.87
N TYR B 308 -0.56 24.68 -13.69
CA TYR B 308 -1.58 25.01 -12.70
C TYR B 308 -1.22 26.35 -12.08
N LYS B 309 -1.90 27.40 -12.55
CA LYS B 309 -1.52 28.82 -12.40
C LYS B 309 -0.01 29.03 -12.32
#